data_2VN2
#
_entry.id   2VN2
#
_cell.length_a   116.514
_cell.length_b   124.707
_cell.length_c   157.230
_cell.angle_alpha   90.00
_cell.angle_beta   90.00
_cell.angle_gamma   90.00
#
_symmetry.space_group_name_H-M   'F 2 2 2'
#
loop_
_entity.id
_entity.type
_entity.pdbx_description
1 polymer 'CHROMOSOME REPLICATION INITIATION PROTEIN'
2 non-polymer 'MAGNESIUM ION'
3 water water
#
_entity_poly.entity_id   1
_entity_poly.type   'polypeptide(L)'
_entity_poly.pdbx_seq_one_letter_code
;MEKKKVAEWLAQGSIAVPKLLLGHYKQLGLGEGELVLLLHMQSFFEEGVLFPTPAELAERMTVSAAECMEMVRRLLQKGM
IAIEEHTDEQGIRNEKYTLEPLWEKLVHHLYTQAAQQGELGRQEEEES
;
_entity_poly.pdbx_strand_id   A,B,C,D
#
loop_
_chem_comp.id
_chem_comp.type
_chem_comp.name
_chem_comp.formula
MG non-polymer 'MAGNESIUM ION' 'Mg 2'
#
# COMPACT_ATOMS: atom_id res chain seq x y z
N MET A 1 -17.47 -20.68 -44.05
CA MET A 1 -16.09 -20.82 -43.49
C MET A 1 -15.14 -19.61 -43.87
N GLU A 2 -15.41 -18.40 -43.37
CA GLU A 2 -14.73 -17.18 -43.91
C GLU A 2 -13.30 -16.83 -43.43
N LYS A 3 -12.35 -16.92 -44.37
CA LYS A 3 -10.92 -16.72 -44.08
C LYS A 3 -10.46 -15.40 -43.38
N LYS A 4 -11.00 -14.25 -43.73
CA LYS A 4 -10.64 -12.98 -43.08
C LYS A 4 -11.09 -12.96 -41.60
N LYS A 5 -12.07 -13.78 -41.32
CA LYS A 5 -12.72 -13.84 -40.02
C LYS A 5 -11.88 -14.73 -39.08
N VAL A 6 -11.51 -15.87 -39.62
CA VAL A 6 -10.66 -16.81 -38.95
C VAL A 6 -9.39 -16.17 -38.53
N ALA A 7 -8.77 -15.41 -39.48
CA ALA A 7 -7.54 -14.66 -39.27
C ALA A 7 -7.75 -13.66 -38.14
N GLU A 8 -8.89 -12.96 -38.14
CA GLU A 8 -9.19 -12.03 -37.02
C GLU A 8 -9.39 -12.78 -35.71
N TRP A 9 -10.00 -13.99 -35.72
CA TRP A 9 -9.96 -14.74 -34.51
C TRP A 9 -8.54 -15.08 -34.06
N LEU A 10 -7.72 -15.64 -34.97
CA LEU A 10 -6.41 -16.07 -34.66
C LEU A 10 -5.47 -14.98 -34.20
N ALA A 11 -5.69 -13.73 -34.67
CA ALA A 11 -4.92 -12.52 -34.30
C ALA A 11 -5.24 -11.95 -32.95
N GLN A 12 -6.34 -12.40 -32.33
CA GLN A 12 -6.69 -11.90 -30.98
C GLN A 12 -5.61 -12.23 -29.94
N GLY A 13 -4.95 -13.35 -30.06
CA GLY A 13 -3.97 -13.59 -29.04
C GLY A 13 -4.41 -14.20 -27.72
N SER A 14 -3.49 -14.17 -26.79
CA SER A 14 -3.50 -14.99 -25.59
C SER A 14 -3.00 -14.16 -24.48
N ILE A 15 -3.48 -14.46 -23.27
CA ILE A 15 -3.02 -13.96 -21.97
C ILE A 15 -2.09 -15.09 -21.46
N ALA A 16 -0.87 -14.71 -21.05
CA ALA A 16 0.07 -15.67 -20.52
C ALA A 16 -0.15 -15.67 -19.02
N VAL A 17 -0.64 -16.81 -18.46
CA VAL A 17 -0.91 -16.92 -17.07
C VAL A 17 0.26 -17.64 -16.38
N PRO A 18 1.03 -16.92 -15.54
CA PRO A 18 2.17 -17.62 -14.95
C PRO A 18 1.78 -18.81 -14.12
N LYS A 19 2.49 -19.90 -14.29
CA LYS A 19 2.37 -21.09 -13.53
C LYS A 19 2.62 -20.98 -12.06
N LEU A 20 3.43 -20.00 -11.67
CA LEU A 20 3.66 -19.69 -10.29
C LEU A 20 2.42 -19.04 -9.69
N LEU A 21 1.69 -18.20 -10.43
CA LEU A 21 0.42 -17.67 -9.92
C LEU A 21 -0.72 -18.73 -9.82
N LEU A 22 -0.94 -19.49 -10.88
CA LEU A 22 -1.77 -20.67 -10.88
C LEU A 22 -1.45 -21.66 -9.80
N GLY A 23 -0.17 -21.87 -9.54
CA GLY A 23 0.22 -22.83 -8.54
C GLY A 23 0.03 -22.37 -7.07
N HIS A 24 -0.28 -21.11 -6.84
CA HIS A 24 -0.22 -20.58 -5.49
C HIS A 24 -1.23 -19.53 -5.18
N TYR A 25 -2.17 -19.22 -6.06
CA TYR A 25 -3.16 -18.20 -5.74
C TYR A 25 -4.01 -18.56 -4.54
N LYS A 26 -4.36 -19.84 -4.36
CA LYS A 26 -5.16 -20.31 -3.15
C LYS A 26 -4.39 -20.09 -1.87
N GLN A 27 -3.16 -20.54 -1.85
CA GLN A 27 -2.27 -20.21 -0.78
C GLN A 27 -2.10 -18.71 -0.53
N LEU A 28 -2.38 -17.82 -1.51
CA LEU A 28 -2.33 -16.37 -1.24
C LEU A 28 -3.66 -15.89 -0.73
N GLY A 29 -4.67 -16.73 -0.57
CA GLY A 29 -5.97 -16.22 -0.15
C GLY A 29 -6.85 -15.72 -1.27
N LEU A 30 -6.51 -16.07 -2.53
CA LEU A 30 -7.44 -15.80 -3.67
C LEU A 30 -8.41 -16.97 -3.98
N GLY A 31 -9.56 -16.61 -4.53
CA GLY A 31 -10.51 -17.56 -5.08
C GLY A 31 -10.31 -17.64 -6.60
N GLU A 32 -10.94 -18.64 -7.20
CA GLU A 32 -10.98 -18.73 -8.66
C GLU A 32 -11.58 -17.48 -9.26
N GLY A 33 -12.67 -16.96 -8.66
CA GLY A 33 -13.24 -15.74 -9.26
C GLY A 33 -12.34 -14.51 -9.31
N GLU A 34 -11.53 -14.31 -8.27
CA GLU A 34 -10.52 -13.26 -8.19
C GLU A 34 -9.47 -13.54 -9.19
N LEU A 35 -9.00 -14.79 -9.30
CA LEU A 35 -7.99 -15.09 -10.32
C LEU A 35 -8.50 -14.64 -11.73
N VAL A 36 -9.66 -15.17 -12.17
CA VAL A 36 -10.20 -14.80 -13.45
C VAL A 36 -10.38 -13.26 -13.50
N LEU A 37 -10.77 -12.61 -12.38
CA LEU A 37 -10.95 -11.13 -12.44
C LEU A 37 -9.60 -10.47 -12.81
N LEU A 38 -8.53 -10.93 -12.20
CA LEU A 38 -7.15 -10.45 -12.45
C LEU A 38 -6.77 -10.65 -13.94
N LEU A 39 -7.17 -11.83 -14.48
CA LEU A 39 -6.96 -12.15 -15.98
C LEU A 39 -7.75 -11.20 -16.72
N HIS A 40 -9.06 -10.98 -16.37
CA HIS A 40 -9.75 -9.90 -17.23
C HIS A 40 -9.01 -8.53 -17.11
N MET A 41 -8.57 -8.11 -15.91
CA MET A 41 -7.83 -6.85 -15.81
C MET A 41 -6.61 -6.90 -16.61
N GLN A 42 -5.81 -7.96 -16.56
CA GLN A 42 -4.59 -8.01 -17.42
C GLN A 42 -4.94 -7.75 -18.90
N SER A 43 -6.02 -8.36 -19.33
CA SER A 43 -6.49 -8.31 -20.70
C SER A 43 -6.88 -6.88 -21.17
N PHE A 44 -7.60 -6.17 -20.33
CA PHE A 44 -7.80 -4.69 -20.40
C PHE A 44 -6.48 -3.87 -20.45
N PHE A 45 -5.51 -4.15 -19.56
CA PHE A 45 -4.20 -3.45 -19.59
C PHE A 45 -3.55 -3.65 -20.96
N GLU A 46 -3.67 -4.86 -21.52
CA GLU A 46 -3.02 -5.19 -22.80
C GLU A 46 -3.74 -4.64 -24.01
N GLU A 47 -4.93 -4.13 -23.81
CA GLU A 47 -5.68 -3.33 -24.77
C GLU A 47 -5.52 -1.83 -24.54
N GLY A 48 -4.65 -1.42 -23.61
CA GLY A 48 -4.47 -0.02 -23.26
C GLY A 48 -5.43 0.56 -22.20
N VAL A 49 -6.38 -0.25 -21.66
CA VAL A 49 -7.37 0.27 -20.68
C VAL A 49 -6.79 -0.03 -19.29
N LEU A 50 -6.18 0.98 -18.69
CA LEU A 50 -5.27 0.82 -17.58
C LEU A 50 -6.00 0.80 -16.22
N PHE A 51 -7.28 1.17 -16.34
CA PHE A 51 -8.14 1.35 -15.21
C PHE A 51 -9.52 0.91 -15.55
N PRO A 52 -9.71 -0.38 -15.87
CA PRO A 52 -11.11 -0.65 -16.29
C PRO A 52 -12.04 -0.37 -15.07
N THR A 53 -13.34 -0.18 -15.34
CA THR A 53 -14.36 0.05 -14.33
C THR A 53 -14.91 -1.38 -13.98
N PRO A 54 -15.62 -1.56 -12.84
CA PRO A 54 -16.26 -2.81 -12.48
C PRO A 54 -17.33 -3.26 -13.42
N ALA A 55 -18.07 -2.32 -14.03
CA ALA A 55 -18.94 -2.72 -15.13
C ALA A 55 -18.21 -3.28 -16.34
N GLU A 56 -17.07 -2.72 -16.72
CA GLU A 56 -16.36 -3.30 -17.89
C GLU A 56 -15.84 -4.69 -17.50
N LEU A 57 -15.26 -4.81 -16.31
CA LEU A 57 -14.89 -6.13 -15.76
C LEU A 57 -16.06 -7.08 -15.72
N ALA A 58 -17.24 -6.67 -15.28
CA ALA A 58 -18.33 -7.66 -15.04
C ALA A 58 -18.94 -8.23 -16.30
N GLU A 59 -18.72 -7.53 -17.43
CA GLU A 59 -19.44 -7.74 -18.69
C GLU A 59 -19.04 -9.09 -19.21
N ARG A 60 -17.78 -9.52 -19.00
CA ARG A 60 -17.30 -10.86 -19.43
C ARG A 60 -17.29 -11.90 -18.30
N MET A 61 -17.87 -11.60 -17.13
CA MET A 61 -17.83 -12.54 -15.98
C MET A 61 -19.28 -12.98 -15.65
N THR A 62 -19.44 -14.01 -14.83
CA THR A 62 -20.77 -14.40 -14.41
C THR A 62 -21.33 -13.56 -13.23
N VAL A 63 -20.53 -12.64 -12.68
CA VAL A 63 -20.94 -11.82 -11.57
C VAL A 63 -21.50 -10.39 -11.99
N SER A 64 -22.33 -9.77 -11.16
CA SER A 64 -22.80 -8.45 -11.43
C SER A 64 -21.70 -7.42 -11.26
N ALA A 65 -21.97 -6.23 -11.79
CA ALA A 65 -21.11 -5.08 -11.70
C ALA A 65 -20.85 -4.78 -10.23
N ALA A 66 -21.90 -4.93 -9.45
CA ALA A 66 -21.79 -4.64 -8.01
C ALA A 66 -20.87 -5.63 -7.28
N GLU A 67 -20.95 -6.94 -7.60
CA GLU A 67 -20.09 -8.00 -7.00
C GLU A 67 -18.69 -7.78 -7.42
N CYS A 68 -18.50 -7.53 -8.71
CA CYS A 68 -17.18 -7.15 -9.28
C CYS A 68 -16.58 -5.90 -8.55
N MET A 69 -17.33 -4.84 -8.30
CA MET A 69 -16.76 -3.73 -7.47
C MET A 69 -16.39 -4.16 -6.08
N GLU A 70 -17.20 -5.04 -5.50
CA GLU A 70 -16.87 -5.66 -4.19
C GLU A 70 -15.55 -6.43 -4.25
N MET A 71 -15.38 -7.23 -5.31
CA MET A 71 -14.19 -8.04 -5.48
C MET A 71 -12.96 -7.13 -5.68
N VAL A 72 -13.04 -6.06 -6.47
CA VAL A 72 -11.89 -5.10 -6.67
C VAL A 72 -11.57 -4.44 -5.35
N ARG A 73 -12.60 -3.94 -4.67
CA ARG A 73 -12.45 -3.51 -3.26
C ARG A 73 -11.72 -4.52 -2.34
N ARG A 74 -12.17 -5.79 -2.31
CA ARG A 74 -11.53 -6.85 -1.46
C ARG A 74 -10.07 -7.15 -1.92
N LEU A 75 -9.78 -7.10 -3.22
CA LEU A 75 -8.38 -7.25 -3.70
C LEU A 75 -7.47 -6.05 -3.24
N LEU A 76 -8.01 -4.80 -3.29
CA LEU A 76 -7.31 -3.56 -2.78
C LEU A 76 -7.00 -3.75 -1.33
N GLN A 77 -8.01 -4.19 -0.59
CA GLN A 77 -7.74 -4.51 0.83
C GLN A 77 -6.87 -5.67 1.16
N LYS A 78 -6.98 -6.80 0.46
CA LYS A 78 -5.94 -7.85 0.71
C LYS A 78 -4.55 -7.40 0.24
N GLY A 79 -4.39 -6.28 -0.45
CA GLY A 79 -3.06 -5.84 -0.94
C GLY A 79 -2.53 -6.71 -2.06
N MET A 80 -3.46 -7.25 -2.83
CA MET A 80 -3.13 -7.89 -4.16
C MET A 80 -3.04 -6.97 -5.33
N ILE A 81 -3.74 -5.87 -5.35
CA ILE A 81 -3.63 -4.90 -6.46
C ILE A 81 -3.60 -3.49 -5.72
N ALA A 82 -3.10 -2.41 -6.38
CA ALA A 82 -3.06 -1.08 -5.83
C ALA A 82 -3.46 -0.14 -6.97
N ILE A 83 -3.94 1.07 -6.68
CA ILE A 83 -4.11 2.14 -7.68
C ILE A 83 -2.91 3.08 -7.54
N GLU A 84 -2.24 3.37 -8.65
CA GLU A 84 -1.14 4.32 -8.73
C GLU A 84 -1.50 5.43 -9.73
N GLU A 85 -1.19 6.59 -9.40
N GLU A 95 -3.28 7.51 -13.69
CA GLU A 95 -4.08 6.65 -12.75
C GLU A 95 -4.54 5.22 -13.25
N LYS A 96 -4.08 4.16 -12.56
CA LYS A 96 -4.02 2.80 -13.11
C LYS A 96 -3.96 1.70 -12.02
N TYR A 97 -4.47 0.49 -12.31
CA TYR A 97 -4.32 -0.66 -11.38
C TYR A 97 -2.99 -1.22 -11.56
N THR A 98 -2.36 -1.69 -10.51
CA THR A 98 -1.19 -2.59 -10.74
C THR A 98 -1.25 -3.87 -9.90
N LEU A 99 -0.58 -4.93 -10.41
CA LEU A 99 -0.54 -6.22 -9.74
C LEU A 99 0.74 -6.48 -8.94
N GLU A 100 1.65 -5.53 -9.02
CA GLU A 100 2.87 -5.52 -8.21
C GLU A 100 2.74 -6.01 -6.83
N PRO A 101 1.76 -5.48 -6.02
CA PRO A 101 1.53 -6.03 -4.67
C PRO A 101 1.29 -7.56 -4.65
N LEU A 102 0.61 -8.10 -5.68
CA LEU A 102 0.35 -9.49 -5.74
C LEU A 102 1.71 -10.24 -5.85
N TRP A 103 2.57 -9.70 -6.71
CA TRP A 103 3.84 -10.26 -7.00
C TRP A 103 4.77 -10.28 -5.82
N GLU A 104 4.67 -9.26 -5.00
CA GLU A 104 5.49 -9.10 -3.79
C GLU A 104 5.11 -10.15 -2.75
N LYS A 105 3.83 -10.35 -2.55
CA LYS A 105 3.24 -11.45 -1.76
C LYS A 105 3.59 -12.80 -2.37
N LEU A 106 3.55 -12.96 -3.68
CA LEU A 106 3.93 -14.26 -4.19
C LEU A 106 5.48 -14.48 -4.01
N VAL A 107 6.31 -13.46 -4.16
CA VAL A 107 7.70 -13.66 -4.03
C VAL A 107 8.01 -14.01 -2.55
N HIS A 108 7.33 -13.36 -1.62
CA HIS A 108 7.59 -13.56 -0.21
C HIS A 108 7.17 -14.98 0.18
N HIS A 109 6.05 -15.44 -0.38
CA HIS A 109 5.67 -16.84 -0.27
C HIS A 109 6.62 -17.82 -0.87
N LEU A 110 7.00 -17.64 -2.15
CA LEU A 110 7.94 -18.52 -2.78
C LEU A 110 9.24 -18.63 -2.01
N TYR A 111 9.66 -17.51 -1.49
CA TYR A 111 10.87 -17.42 -0.72
C TYR A 111 10.87 -18.25 0.59
N THR A 112 9.79 -18.13 1.29
CA THR A 112 9.49 -18.88 2.52
C THR A 112 9.34 -20.35 2.25
N GLN A 113 8.59 -20.77 1.21
CA GLN A 113 8.57 -22.18 0.79
C GLN A 113 9.96 -22.75 0.44
N ALA A 114 10.84 -21.96 -0.21
CA ALA A 114 12.16 -22.41 -0.66
C ALA A 114 13.03 -22.77 0.60
N ALA A 115 13.02 -21.88 1.59
CA ALA A 115 13.78 -21.97 2.79
C ALA A 115 13.39 -23.10 3.71
N GLN A 116 12.09 -23.41 3.75
CA GLN A 116 11.44 -24.47 4.53
C GLN A 116 11.61 -25.80 3.87
N GLN A 117 11.91 -25.79 2.57
CA GLN A 117 12.33 -27.01 1.93
C GLN A 117 13.85 -27.09 1.82
N GLY A 118 14.56 -26.23 2.52
CA GLY A 118 16.02 -26.22 2.48
C GLY A 118 16.57 -26.01 1.06
N GLU A 119 15.86 -25.22 0.23
CA GLU A 119 16.16 -25.14 -1.20
C GLU A 119 17.08 -24.00 -1.48
N LEU A 120 17.38 -23.26 -0.42
CA LEU A 120 18.34 -22.18 -0.45
C LEU A 120 19.86 -22.55 -0.16
N GLY A 121 20.21 -23.66 0.34
N MET B 1 -17.26 2.50 5.71
CA MET B 1 -18.17 3.67 5.52
C MET B 1 -17.40 5.00 5.55
N GLU B 2 -17.99 6.00 4.88
CA GLU B 2 -17.78 7.44 5.01
C GLU B 2 -17.51 7.98 6.43
N LYS B 3 -18.49 7.76 7.29
CA LYS B 3 -18.45 8.24 8.65
C LYS B 3 -17.71 7.36 9.66
N LYS B 4 -17.66 6.06 9.48
CA LYS B 4 -16.84 5.25 10.33
C LYS B 4 -15.31 5.59 10.12
N LYS B 5 -15.05 6.18 8.98
CA LYS B 5 -13.74 6.42 8.47
C LYS B 5 -13.19 7.79 9.03
N VAL B 6 -14.07 8.76 9.00
CA VAL B 6 -13.89 10.00 9.65
C VAL B 6 -13.64 9.78 11.14
N ALA B 7 -14.47 8.94 11.75
CA ALA B 7 -14.32 8.55 13.17
C ALA B 7 -12.98 7.87 13.44
N GLU B 8 -12.59 6.96 12.57
CA GLU B 8 -11.32 6.29 12.77
C GLU B 8 -10.11 7.27 12.65
N TRP B 9 -10.21 8.29 11.73
CA TRP B 9 -9.22 9.35 11.67
C TRP B 9 -9.22 10.17 12.96
N LEU B 10 -10.37 10.62 13.41
CA LEU B 10 -10.51 11.34 14.66
C LEU B 10 -9.95 10.64 15.89
N ALA B 11 -10.10 9.32 15.95
CA ALA B 11 -9.63 8.45 17.04
C ALA B 11 -8.13 8.23 17.08
N GLN B 12 -7.42 8.76 16.08
CA GLN B 12 -5.98 8.53 15.99
C GLN B 12 -5.27 9.41 17.08
N GLY B 13 -5.82 10.55 17.39
CA GLY B 13 -5.11 11.32 18.42
C GLY B 13 -3.83 12.03 18.00
N SER B 14 -3.13 12.50 19.02
CA SER B 14 -2.15 13.55 18.93
C SER B 14 -0.99 13.23 19.81
N ILE B 15 0.20 13.71 19.41
CA ILE B 15 1.42 13.73 20.21
C ILE B 15 1.47 15.12 20.84
N ALA B 16 1.59 15.18 22.16
CA ALA B 16 1.76 16.40 22.90
C ALA B 16 3.23 16.74 22.90
N VAL B 17 3.61 17.82 22.18
CA VAL B 17 5.01 18.19 22.02
C VAL B 17 5.23 19.34 23.02
N PRO B 18 6.01 19.06 24.09
CA PRO B 18 6.23 20.14 25.08
C PRO B 18 6.77 21.53 24.49
N LYS B 19 6.20 22.66 24.90
CA LYS B 19 6.68 23.91 24.50
C LYS B 19 8.09 24.27 24.95
N LEU B 20 8.51 23.70 26.08
CA LEU B 20 9.88 23.76 26.53
C LEU B 20 10.85 23.06 25.59
N LEU B 21 10.53 21.87 25.08
CA LEU B 21 11.45 21.23 24.12
C LEU B 21 11.50 22.03 22.81
N LEU B 22 10.32 22.51 22.38
CA LEU B 22 10.19 23.15 21.07
C LEU B 22 10.90 24.48 21.13
N GLY B 23 10.78 25.19 22.25
CA GLY B 23 11.44 26.47 22.47
C GLY B 23 13.02 26.37 22.69
N HIS B 24 13.58 25.18 22.93
CA HIS B 24 14.96 25.14 23.29
C HIS B 24 15.74 24.01 22.67
N TYR B 25 15.20 23.16 21.81
CA TYR B 25 15.95 22.04 21.27
C TYR B 25 17.23 22.48 20.55
N LYS B 26 17.18 23.70 20.02
CA LYS B 26 18.24 24.26 19.18
C LYS B 26 19.39 24.64 20.06
N GLN B 27 19.08 25.37 21.13
CA GLN B 27 19.93 25.60 22.30
C GLN B 27 20.65 24.28 22.81
N LEU B 28 20.05 23.08 22.63
CA LEU B 28 20.56 21.74 23.05
C LEU B 28 21.44 21.13 21.98
N GLY B 29 21.51 21.73 20.79
CA GLY B 29 22.33 21.07 19.78
C GLY B 29 21.52 20.11 18.96
N LEU B 30 20.20 20.17 19.06
CA LEU B 30 19.34 19.34 18.14
C LEU B 30 18.96 20.07 16.82
N GLY B 31 18.80 19.27 15.80
CA GLY B 31 18.28 19.76 14.52
C GLY B 31 16.77 19.48 14.39
N GLU B 32 16.16 20.00 13.33
CA GLU B 32 14.74 19.85 13.19
C GLU B 32 14.48 18.35 12.87
N GLY B 33 15.38 17.70 12.12
CA GLY B 33 15.12 16.26 11.69
C GLY B 33 15.21 15.31 12.90
N GLU B 34 16.14 15.62 13.81
CA GLU B 34 16.28 14.98 15.11
C GLU B 34 15.04 15.24 15.97
N LEU B 35 14.55 16.48 16.09
CA LEU B 35 13.30 16.67 16.81
C LEU B 35 12.19 15.75 16.30
N VAL B 36 11.99 15.77 14.98
CA VAL B 36 10.87 15.07 14.39
C VAL B 36 11.17 13.63 14.62
N LEU B 37 12.46 13.25 14.51
CA LEU B 37 12.85 11.82 14.79
C LEU B 37 12.37 11.39 16.19
N LEU B 38 12.61 12.26 17.18
CA LEU B 38 12.14 12.05 18.61
C LEU B 38 10.58 11.94 18.73
N LEU B 39 9.86 12.69 17.90
CA LEU B 39 8.34 12.60 17.79
C LEU B 39 7.89 11.30 17.19
N HIS B 40 8.51 10.86 16.07
CA HIS B 40 8.20 9.49 15.65
C HIS B 40 8.49 8.45 16.70
N MET B 41 9.61 8.59 17.42
CA MET B 41 9.95 7.58 18.48
C MET B 41 8.90 7.60 19.52
N GLN B 42 8.50 8.77 19.99
CA GLN B 42 7.43 8.93 21.03
C GLN B 42 6.16 8.24 20.55
N SER B 43 5.81 8.47 19.29
CA SER B 43 4.63 7.88 18.63
C SER B 43 4.66 6.37 18.59
N PHE B 44 5.84 5.80 18.32
CA PHE B 44 6.10 4.37 18.48
C PHE B 44 5.96 3.91 19.91
N PHE B 45 6.51 4.65 20.87
CA PHE B 45 6.37 4.29 22.30
C PHE B 45 4.87 4.32 22.72
N GLU B 46 4.05 5.11 22.02
CA GLU B 46 2.62 5.30 22.42
C GLU B 46 1.78 4.22 21.81
N GLU B 47 2.32 3.53 20.82
CA GLU B 47 1.77 2.29 20.30
C GLU B 47 2.38 1.08 21.01
N GLY B 48 3.19 1.27 22.06
CA GLY B 48 3.83 0.13 22.73
C GLY B 48 5.16 -0.38 22.10
N VAL B 49 5.61 0.20 20.96
CA VAL B 49 6.91 -0.16 20.34
C VAL B 49 8.05 0.64 20.95
N LEU B 50 8.77 0.02 21.90
CA LEU B 50 9.72 0.75 22.77
C LEU B 50 11.12 0.81 22.21
N PHE B 51 11.32 0.02 21.17
CA PHE B 51 12.63 -0.07 20.51
C PHE B 51 12.42 -0.11 19.04
N PRO B 52 11.81 0.95 18.45
CA PRO B 52 11.62 0.92 17.02
C PRO B 52 13.01 0.78 16.33
N THR B 53 13.03 0.10 15.18
CA THR B 53 14.21 -0.07 14.40
C THR B 53 14.33 1.28 13.62
N PRO B 54 15.51 1.55 13.04
CA PRO B 54 15.68 2.72 12.21
C PRO B 54 14.94 2.62 10.90
N ALA B 55 14.77 1.41 10.37
CA ALA B 55 13.89 1.26 9.20
C ALA B 55 12.43 1.62 9.56
N GLU B 56 11.97 1.24 10.75
CA GLU B 56 10.59 1.65 11.17
C GLU B 56 10.45 3.16 11.31
N LEU B 57 11.43 3.77 11.98
CA LEU B 57 11.58 5.22 12.11
C LEU B 57 11.72 5.90 10.79
N ALA B 58 12.35 5.30 9.80
CA ALA B 58 12.68 6.05 8.56
C ALA B 58 11.45 6.06 7.66
N GLU B 59 10.57 5.08 7.85
CA GLU B 59 9.34 4.88 7.07
C GLU B 59 8.46 6.11 6.94
N ARG B 60 8.26 6.91 8.01
CA ARG B 60 7.49 8.19 7.92
C ARG B 60 8.36 9.44 7.77
N MET B 61 9.66 9.29 7.59
CA MET B 61 10.52 10.45 7.44
C MET B 61 11.03 10.61 5.98
N THR B 62 11.62 11.76 5.65
CA THR B 62 12.15 11.90 4.31
C THR B 62 13.59 11.30 4.12
N VAL B 63 14.23 10.83 5.22
CA VAL B 63 15.54 10.28 5.29
C VAL B 63 15.48 8.73 5.09
N SER B 64 16.56 8.13 4.63
CA SER B 64 16.66 6.70 4.48
C SER B 64 16.87 6.03 5.83
N ALA B 65 16.70 4.74 5.83
CA ALA B 65 16.93 3.91 7.01
C ALA B 65 18.37 4.06 7.54
N ALA B 66 19.37 4.10 6.65
CA ALA B 66 20.75 4.34 7.12
C ALA B 66 20.98 5.73 7.68
N GLU B 67 20.37 6.80 7.12
CA GLU B 67 20.49 8.18 7.72
C GLU B 67 19.87 8.20 9.11
N CYS B 68 18.71 7.55 9.20
CA CYS B 68 18.00 7.34 10.50
C CYS B 68 18.90 6.62 11.53
N MET B 69 19.61 5.58 11.13
CA MET B 69 20.54 4.86 12.07
C MET B 69 21.66 5.78 12.51
N GLU B 70 22.18 6.56 11.55
CA GLU B 70 23.22 7.53 11.95
C GLU B 70 22.66 8.53 12.94
N MET B 71 21.46 9.04 12.73
CA MET B 71 20.88 10.04 13.66
C MET B 71 20.62 9.44 15.02
N VAL B 72 20.09 8.23 15.09
CA VAL B 72 19.96 7.54 16.39
C VAL B 72 21.31 7.40 17.05
N ARG B 73 22.35 6.91 16.30
CA ARG B 73 23.73 6.88 16.86
C ARG B 73 24.19 8.27 17.39
N ARG B 74 24.00 9.35 16.63
CA ARG B 74 24.39 10.73 17.04
C ARG B 74 23.60 11.18 18.23
N LEU B 75 22.31 10.79 18.31
CA LEU B 75 21.52 11.09 19.52
C LEU B 75 22.01 10.35 20.78
N LEU B 76 22.38 9.05 20.68
CA LEU B 76 23.04 8.29 21.81
C LEU B 76 24.36 9.00 22.28
N GLN B 77 25.23 9.32 21.33
CA GLN B 77 26.45 10.07 21.59
C GLN B 77 26.26 11.44 22.15
N LYS B 78 25.28 12.23 21.72
CA LYS B 78 25.05 13.56 22.35
C LYS B 78 24.38 13.39 23.71
N GLY B 79 23.88 12.19 24.03
CA GLY B 79 23.29 11.92 25.40
C GLY B 79 21.88 12.58 25.47
N MET B 80 21.19 12.61 24.33
CA MET B 80 19.76 13.00 24.29
C MET B 80 18.87 11.84 24.44
N ILE B 81 19.27 10.68 24.02
CA ILE B 81 18.48 9.47 24.35
C ILE B 81 19.52 8.44 24.92
N ALA B 82 19.03 7.35 25.51
CA ALA B 82 19.80 6.27 25.97
C ALA B 82 19.00 4.96 25.77
N ILE B 83 19.70 3.83 25.81
CA ILE B 83 19.08 2.48 25.79
C ILE B 83 19.03 1.81 27.18
N GLU B 84 18.03 0.99 27.41
CA GLU B 84 17.85 0.36 28.74
C GLU B 84 17.28 -1.02 28.58
N GLU B 85 17.43 -1.85 29.51
N GLU B 95 17.59 -2.95 24.55
CA GLU B 95 16.12 -3.28 24.42
C GLU B 95 14.86 -2.23 24.71
N LYS B 96 15.08 -1.06 25.35
CA LYS B 96 14.19 0.11 25.07
C LYS B 96 14.86 1.49 24.99
N TYR B 97 14.37 2.42 24.15
CA TYR B 97 14.91 3.81 24.17
C TYR B 97 14.30 4.61 25.27
N THR B 98 15.03 5.55 25.84
CA THR B 98 14.45 6.55 26.73
C THR B 98 14.89 8.01 26.38
N LEU B 99 13.99 8.99 26.57
CA LEU B 99 14.39 10.42 26.43
C LEU B 99 14.80 11.15 27.71
N GLU B 100 14.79 10.43 28.83
CA GLU B 100 15.32 10.95 30.06
C GLU B 100 16.54 11.81 29.98
N PRO B 101 17.62 11.37 29.27
CA PRO B 101 18.80 12.21 29.21
C PRO B 101 18.55 13.58 28.58
N LEU B 102 17.70 13.65 27.54
CA LEU B 102 17.23 14.92 26.99
C LEU B 102 16.62 15.82 28.05
N TRP B 103 15.75 15.28 28.88
CA TRP B 103 15.08 16.09 29.89
C TRP B 103 16.00 16.63 30.95
N GLU B 104 17.04 15.86 31.23
CA GLU B 104 18.09 16.28 32.19
C GLU B 104 18.89 17.45 31.63
N LYS B 105 19.31 17.35 30.36
CA LYS B 105 20.01 18.52 29.73
C LYS B 105 19.11 19.71 29.72
N LEU B 106 17.85 19.50 29.35
CA LEU B 106 16.93 20.59 29.26
C LEU B 106 16.66 21.22 30.61
N VAL B 107 16.45 20.42 31.67
CA VAL B 107 16.30 21.00 33.03
C VAL B 107 17.53 21.86 33.47
N HIS B 108 18.76 21.45 33.14
CA HIS B 108 20.04 22.21 33.41
C HIS B 108 20.03 23.54 32.78
N HIS B 109 19.75 23.55 31.48
CA HIS B 109 19.58 24.76 30.69
C HIS B 109 18.47 25.62 31.25
N LEU B 110 17.30 25.09 31.53
CA LEU B 110 16.29 25.96 32.08
C LEU B 110 16.75 26.50 33.47
N TYR B 111 17.40 25.67 34.33
CA TYR B 111 17.96 26.18 35.63
C TYR B 111 19.01 27.30 35.42
N THR B 112 19.98 27.00 34.59
CA THR B 112 20.97 27.97 34.22
C THR B 112 20.32 29.25 33.76
N GLN B 113 19.49 29.17 32.72
CA GLN B 113 18.83 30.36 32.21
C GLN B 113 17.97 31.19 33.19
N ALA B 114 17.22 30.54 34.08
CA ALA B 114 16.54 31.16 35.22
C ALA B 114 17.56 31.84 36.12
N ALA B 115 18.66 31.17 36.37
CA ALA B 115 19.61 31.67 37.37
C ALA B 115 20.25 32.90 36.81
N GLN B 116 20.41 32.89 35.53
CA GLN B 116 20.97 34.04 34.90
C GLN B 116 20.02 35.22 34.52
N GLN B 117 18.73 35.10 34.82
CA GLN B 117 17.78 36.22 34.70
C GLN B 117 17.23 36.75 36.07
N GLY B 118 17.93 36.45 37.14
CA GLY B 118 17.43 36.70 38.52
C GLY B 118 17.32 35.36 39.26
N GLU B 119 16.31 34.58 38.82
CA GLU B 119 15.92 33.26 39.32
C GLU B 119 14.44 33.40 39.12
N LEU B 120 13.88 33.80 38.07
N GLU C 2 19.12 -15.12 -3.67
CA GLU C 2 19.94 -16.17 -4.35
C GLU C 2 19.48 -16.39 -5.80
N LYS C 3 20.45 -16.45 -6.70
CA LYS C 3 20.19 -16.31 -8.11
C LYS C 3 19.71 -17.55 -8.83
N LYS C 4 20.19 -18.72 -8.47
CA LYS C 4 19.75 -19.90 -9.15
C LYS C 4 18.22 -20.00 -8.94
N LYS C 5 17.75 -19.63 -7.70
CA LYS C 5 16.31 -19.75 -7.28
C LYS C 5 15.40 -18.79 -8.05
N VAL C 6 15.83 -17.53 -8.14
CA VAL C 6 15.16 -16.53 -8.93
C VAL C 6 15.07 -16.96 -10.41
N ALA C 7 16.16 -17.48 -10.98
CA ALA C 7 16.25 -17.97 -12.36
C ALA C 7 15.23 -19.09 -12.57
N GLU C 8 15.12 -19.99 -11.60
CA GLU C 8 14.07 -21.04 -11.66
C GLU C 8 12.65 -20.49 -11.78
N TRP C 9 12.36 -19.47 -10.93
CA TRP C 9 11.04 -18.89 -10.83
C TRP C 9 10.70 -18.21 -12.11
N LEU C 10 11.63 -17.40 -12.62
CA LEU C 10 11.58 -16.86 -13.96
C LEU C 10 11.32 -17.83 -15.10
N ALA C 11 11.83 -19.03 -15.06
CA ALA C 11 11.70 -20.00 -16.10
C ALA C 11 10.49 -20.97 -15.92
N GLN C 12 9.59 -20.75 -14.95
CA GLN C 12 8.59 -21.77 -14.59
C GLN C 12 7.59 -21.85 -15.79
N GLY C 13 7.35 -20.75 -16.46
CA GLY C 13 6.43 -20.83 -17.61
C GLY C 13 5.04 -20.25 -17.27
N SER C 14 4.17 -20.27 -18.27
CA SER C 14 2.88 -19.65 -18.29
C SER C 14 1.96 -20.58 -18.99
N ILE C 15 0.69 -20.54 -18.64
CA ILE C 15 -0.35 -21.17 -19.45
C ILE C 15 -0.96 -20.05 -20.35
N ALA C 16 -1.09 -20.29 -21.66
CA ALA C 16 -1.60 -19.29 -22.62
C ALA C 16 -3.11 -19.45 -22.65
N VAL C 17 -3.81 -18.39 -22.32
CA VAL C 17 -5.23 -18.42 -22.25
C VAL C 17 -5.67 -17.59 -23.48
N PRO C 18 -6.21 -18.24 -24.58
CA PRO C 18 -6.78 -17.36 -25.65
C PRO C 18 -7.71 -16.20 -25.08
N LYS C 19 -7.48 -14.95 -25.50
CA LYS C 19 -8.40 -13.87 -25.23
C LYS C 19 -9.86 -14.14 -25.65
N LEU C 20 -10.03 -14.90 -26.72
CA LEU C 20 -11.33 -15.39 -27.17
C LEU C 20 -12.00 -16.30 -26.15
N LEU C 21 -11.26 -17.25 -25.52
CA LEU C 21 -11.81 -17.95 -24.43
C LEU C 21 -12.14 -17.01 -23.25
N LEU C 22 -11.18 -16.23 -22.77
CA LEU C 22 -11.47 -15.27 -21.67
C LEU C 22 -12.73 -14.45 -21.96
N GLY C 23 -12.89 -14.00 -23.20
CA GLY C 23 -14.00 -13.15 -23.61
C GLY C 23 -15.33 -13.86 -23.82
N HIS C 24 -15.36 -15.20 -23.82
CA HIS C 24 -16.64 -15.85 -24.17
C HIS C 24 -17.00 -17.05 -23.36
N TYR C 25 -16.20 -17.43 -22.36
CA TYR C 25 -16.49 -18.58 -21.54
C TYR C 25 -17.89 -18.48 -20.89
N LYS C 26 -18.36 -17.28 -20.57
CA LYS C 26 -19.58 -17.14 -19.74
C LYS C 26 -20.74 -17.52 -20.66
N GLN C 27 -20.66 -17.12 -21.95
CA GLN C 27 -21.61 -17.54 -22.94
C GLN C 27 -21.63 -19.03 -23.28
N LEU C 28 -20.57 -19.80 -22.99
CA LEU C 28 -20.46 -21.18 -23.29
C LEU C 28 -21.03 -21.85 -22.07
N GLY C 29 -21.45 -21.06 -21.09
CA GLY C 29 -22.13 -21.71 -19.98
C GLY C 29 -21.10 -22.09 -18.94
N LEU C 30 -19.87 -21.53 -19.00
CA LEU C 30 -18.83 -21.86 -18.02
C LEU C 30 -18.76 -20.81 -16.93
N GLY C 31 -18.43 -21.22 -15.74
CA GLY C 31 -18.18 -20.25 -14.71
C GLY C 31 -16.66 -20.04 -14.53
N GLU C 32 -16.26 -18.98 -13.77
CA GLU C 32 -14.82 -18.72 -13.41
C GLU C 32 -14.21 -19.95 -12.76
N GLY C 33 -14.91 -20.60 -11.86
CA GLY C 33 -14.35 -21.78 -11.22
C GLY C 33 -13.91 -22.84 -12.27
N GLU C 34 -14.80 -23.08 -13.27
CA GLU C 34 -14.62 -24.14 -14.26
C GLU C 34 -13.48 -23.66 -15.17
N LEU C 35 -13.54 -22.43 -15.66
CA LEU C 35 -12.40 -21.81 -16.34
C LEU C 35 -11.02 -22.13 -15.64
N VAL C 36 -10.90 -21.82 -14.33
CA VAL C 36 -9.65 -22.13 -13.59
C VAL C 36 -9.31 -23.61 -13.58
N LEU C 37 -10.33 -24.41 -13.36
CA LEU C 37 -10.17 -25.85 -13.38
C LEU C 37 -9.57 -26.27 -14.76
N LEU C 38 -10.09 -25.72 -15.87
CA LEU C 38 -9.48 -25.94 -17.28
C LEU C 38 -8.01 -25.45 -17.35
N LEU C 39 -7.65 -24.36 -16.62
CA LEU C 39 -6.23 -23.92 -16.60
C LEU C 39 -5.37 -24.90 -15.83
N HIS C 40 -5.82 -25.36 -14.69
CA HIS C 40 -5.08 -26.40 -13.93
C HIS C 40 -4.90 -27.72 -14.72
N MET C 41 -5.95 -28.20 -15.41
CA MET C 41 -5.86 -29.39 -16.38
C MET C 41 -4.78 -29.17 -17.43
N GLN C 42 -4.79 -28.02 -18.10
CA GLN C 42 -3.77 -27.66 -19.17
C GLN C 42 -2.37 -27.74 -18.58
N SER C 43 -2.28 -27.23 -17.36
CA SER C 43 -1.02 -27.19 -16.68
C SER C 43 -0.56 -28.58 -16.28
N PHE C 44 -1.48 -29.42 -15.79
CA PHE C 44 -1.06 -30.84 -15.56
C PHE C 44 -0.56 -31.45 -16.89
N PHE C 45 -1.24 -31.22 -17.97
CA PHE C 45 -0.90 -31.76 -19.30
C PHE C 45 0.55 -31.38 -19.64
N GLU C 46 0.89 -30.09 -19.41
CA GLU C 46 2.22 -29.56 -19.76
C GLU C 46 3.32 -30.13 -18.93
N GLU C 47 3.00 -30.77 -17.83
CA GLU C 47 3.98 -31.51 -17.10
C GLU C 47 3.80 -33.00 -17.24
N GLY C 48 3.16 -33.49 -18.29
CA GLY C 48 3.07 -34.90 -18.52
C GLY C 48 2.00 -35.66 -17.76
N VAL C 49 1.18 -34.98 -16.94
CA VAL C 49 0.06 -35.65 -16.22
C VAL C 49 -1.22 -35.39 -17.06
N LEU C 50 -1.65 -36.42 -17.78
CA LEU C 50 -2.70 -36.24 -18.75
C LEU C 50 -4.07 -36.71 -18.23
N PHE C 51 -4.10 -37.46 -17.13
CA PHE C 51 -5.37 -37.81 -16.47
C PHE C 51 -5.29 -37.47 -14.98
N PRO C 52 -5.17 -36.17 -14.58
CA PRO C 52 -5.06 -35.87 -13.12
C PRO C 52 -6.41 -36.18 -12.39
N THR C 53 -6.40 -36.66 -11.18
CA THR C 53 -7.63 -36.90 -10.43
C THR C 53 -8.24 -35.56 -9.89
N PRO C 54 -9.58 -35.55 -9.61
CA PRO C 54 -10.27 -34.45 -8.97
C PRO C 54 -9.55 -34.04 -7.69
N ALA C 55 -8.93 -34.93 -6.94
CA ALA C 55 -8.16 -34.45 -5.83
C ALA C 55 -6.83 -33.79 -6.17
N GLU C 56 -6.17 -34.18 -7.30
CA GLU C 56 -4.91 -33.50 -7.69
C GLU C 56 -5.30 -32.11 -8.19
N LEU C 57 -6.35 -32.05 -9.01
CA LEU C 57 -6.93 -30.83 -9.47
C LEU C 57 -7.31 -29.92 -8.34
N ALA C 58 -7.99 -30.42 -7.30
CA ALA C 58 -8.59 -29.61 -6.25
C ALA C 58 -7.55 -29.07 -5.29
N GLU C 59 -6.40 -29.70 -5.29
CA GLU C 59 -5.33 -29.34 -4.37
C GLU C 59 -4.89 -27.87 -4.53
N ARG C 60 -4.92 -27.49 -5.79
CA ARG C 60 -4.49 -26.21 -6.19
C ARG C 60 -5.63 -25.28 -6.26
N MET C 61 -6.85 -25.72 -5.87
CA MET C 61 -8.04 -24.88 -5.87
C MET C 61 -8.65 -24.61 -4.50
N THR C 62 -9.54 -23.61 -4.41
CA THR C 62 -10.26 -23.35 -3.14
C THR C 62 -11.40 -24.39 -2.99
N VAL C 63 -11.72 -25.19 -4.04
CA VAL C 63 -12.78 -26.24 -3.89
C VAL C 63 -12.28 -27.59 -3.34
N SER C 64 -13.14 -28.34 -2.67
CA SER C 64 -12.79 -29.68 -2.14
C SER C 64 -12.69 -30.68 -3.33
N ALA C 65 -12.14 -31.84 -2.99
CA ALA C 65 -11.94 -32.91 -3.98
C ALA C 65 -13.34 -33.35 -4.50
N ALA C 66 -14.32 -33.43 -3.58
CA ALA C 66 -15.63 -33.99 -4.03
C ALA C 66 -16.37 -32.97 -4.96
N GLU C 67 -16.18 -31.72 -4.57
CA GLU C 67 -16.67 -30.62 -5.38
C GLU C 67 -16.03 -30.52 -6.78
N CYS C 68 -14.68 -30.56 -6.83
CA CYS C 68 -13.97 -30.73 -8.08
C CYS C 68 -14.48 -31.91 -8.93
N MET C 69 -14.68 -33.10 -8.40
CA MET C 69 -15.25 -34.32 -9.14
C MET C 69 -16.59 -34.03 -9.83
N GLU C 70 -17.44 -33.29 -9.10
CA GLU C 70 -18.72 -32.76 -9.65
C GLU C 70 -18.58 -31.75 -10.83
N MET C 71 -17.58 -30.89 -10.70
CA MET C 71 -17.26 -29.94 -11.75
C MET C 71 -16.72 -30.63 -12.95
N VAL C 72 -15.83 -31.58 -12.82
CA VAL C 72 -15.37 -32.36 -14.00
C VAL C 72 -16.52 -33.06 -14.70
N ARG C 73 -17.29 -33.80 -13.91
CA ARG C 73 -18.57 -34.36 -14.34
C ARG C 73 -19.45 -33.38 -15.07
N ARG C 74 -19.78 -32.21 -14.52
CA ARG C 74 -20.52 -31.21 -15.36
C ARG C 74 -19.78 -30.84 -16.66
N LEU C 75 -18.44 -30.74 -16.67
CA LEU C 75 -17.77 -30.36 -17.92
C LEU C 75 -17.96 -31.45 -18.98
N LEU C 76 -17.82 -32.71 -18.55
CA LEU C 76 -18.03 -33.86 -19.48
C LEU C 76 -19.43 -33.85 -20.08
N GLN C 77 -20.42 -33.53 -19.24
CA GLN C 77 -21.81 -33.38 -19.65
C GLN C 77 -22.16 -32.26 -20.55
N LYS C 78 -21.54 -31.11 -20.32
CA LYS C 78 -21.64 -29.95 -21.19
C LYS C 78 -20.96 -30.14 -22.54
N GLY C 79 -20.15 -31.19 -22.67
CA GLY C 79 -19.34 -31.28 -23.87
C GLY C 79 -18.18 -30.30 -23.98
N MET C 80 -17.56 -29.94 -22.83
CA MET C 80 -16.47 -28.98 -22.84
C MET C 80 -15.14 -29.69 -22.83
N ILE C 81 -15.10 -30.85 -22.23
CA ILE C 81 -13.93 -31.70 -22.25
C ILE C 81 -14.41 -33.18 -22.64
N ALA C 82 -13.51 -34.07 -23.07
CA ALA C 82 -13.79 -35.48 -23.37
C ALA C 82 -12.74 -36.23 -22.61
N ILE C 83 -13.02 -37.49 -22.34
CA ILE C 83 -11.98 -38.43 -21.94
C ILE C 83 -11.64 -39.29 -23.17
N GLU C 84 -10.38 -39.44 -23.53
CA GLU C 84 -10.00 -40.38 -24.58
C GLU C 84 -9.16 -41.58 -24.09
N GLU C 85 -9.18 -42.54 -24.88
N GLU C 95 -8.33 -42.75 -20.36
CA GLU C 95 -6.97 -42.51 -19.78
C GLU C 95 -6.34 -41.15 -20.15
N LYS C 96 -6.99 -40.36 -20.98
CA LYS C 96 -6.66 -38.93 -20.96
C LYS C 96 -7.82 -37.95 -21.12
N TYR C 97 -7.74 -36.80 -20.41
CA TYR C 97 -8.53 -35.64 -20.81
C TYR C 97 -8.14 -34.98 -22.15
N THR C 98 -9.12 -34.41 -22.84
CA THR C 98 -8.84 -33.51 -23.97
C THR C 98 -9.80 -32.29 -23.93
N LEU C 99 -9.33 -31.08 -24.31
CA LEU C 99 -10.18 -29.85 -24.43
C LEU C 99 -10.67 -29.57 -25.86
N GLU C 100 -10.20 -30.38 -26.80
CA GLU C 100 -10.79 -30.44 -28.12
C GLU C 100 -12.26 -30.00 -28.24
N PRO C 101 -13.17 -30.61 -27.42
CA PRO C 101 -14.55 -30.13 -27.55
C PRO C 101 -14.76 -28.69 -27.06
N LEU C 102 -13.94 -28.14 -26.16
CA LEU C 102 -14.09 -26.71 -25.78
C LEU C 102 -13.89 -25.85 -27.02
N TRP C 103 -12.86 -26.14 -27.78
CA TRP C 103 -12.44 -25.22 -28.83
C TRP C 103 -13.40 -25.30 -29.98
N GLU C 104 -14.01 -26.47 -30.17
CA GLU C 104 -15.10 -26.63 -31.15
C GLU C 104 -16.39 -25.93 -30.64
N LYS C 105 -16.74 -26.01 -29.35
CA LYS C 105 -17.91 -25.14 -28.90
C LYS C 105 -17.61 -23.68 -29.11
N LEU C 106 -16.37 -23.30 -28.80
CA LEU C 106 -15.94 -21.91 -28.88
C LEU C 106 -16.03 -21.43 -30.29
N VAL C 107 -15.54 -22.22 -31.26
CA VAL C 107 -15.55 -21.77 -32.69
C VAL C 107 -17.04 -21.65 -33.21
N HIS C 108 -17.85 -22.63 -32.89
CA HIS C 108 -19.29 -22.58 -33.16
C HIS C 108 -19.90 -21.29 -32.68
N HIS C 109 -19.65 -20.97 -31.44
CA HIS C 109 -20.21 -19.76 -30.87
C HIS C 109 -19.64 -18.52 -31.57
N LEU C 110 -18.35 -18.51 -31.91
CA LEU C 110 -17.85 -17.30 -32.63
C LEU C 110 -18.43 -17.11 -34.04
N TYR C 111 -18.59 -18.22 -34.77
CA TYR C 111 -19.27 -18.26 -36.11
C TYR C 111 -20.76 -17.77 -36.02
N THR C 112 -21.51 -18.30 -35.06
CA THR C 112 -22.77 -17.72 -34.60
C THR C 112 -22.79 -16.23 -34.35
N GLN C 113 -22.03 -15.68 -33.38
CA GLN C 113 -21.96 -14.20 -33.22
C GLN C 113 -21.61 -13.55 -34.52
N ALA C 114 -20.66 -14.10 -35.28
CA ALA C 114 -20.28 -13.31 -36.44
C ALA C 114 -21.49 -13.22 -37.40
N ALA C 115 -22.21 -14.33 -37.62
CA ALA C 115 -23.33 -14.40 -38.56
C ALA C 115 -24.42 -13.43 -38.13
N GLN C 116 -24.72 -13.48 -36.84
CA GLN C 116 -25.62 -12.54 -36.17
C GLN C 116 -25.23 -11.06 -36.14
N GLN C 117 -23.94 -10.76 -36.29
CA GLN C 117 -23.47 -9.37 -36.22
C GLN C 117 -23.27 -8.80 -37.63
N GLY C 118 -23.74 -9.56 -38.62
CA GLY C 118 -23.63 -9.13 -40.03
C GLY C 118 -22.71 -10.10 -40.73
N GLU C 119 -21.41 -9.86 -40.53
CA GLU C 119 -20.40 -10.94 -40.49
C GLU C 119 -19.13 -10.26 -40.03
N LEU C 120 -18.86 -9.77 -38.90
N GLU D 2 12.04 28.72 43.29
CA GLU D 2 12.49 27.32 42.89
C GLU D 2 11.37 26.26 42.72
N LYS D 3 10.58 25.95 43.77
CA LYS D 3 9.37 25.12 43.57
C LYS D 3 8.39 25.89 42.65
N LYS D 4 8.23 27.18 42.88
CA LYS D 4 7.43 28.02 42.00
C LYS D 4 7.92 27.95 40.57
N LYS D 5 9.21 27.73 40.34
CA LYS D 5 9.83 27.72 39.02
C LYS D 5 9.53 26.44 38.29
N VAL D 6 9.63 25.35 39.04
CA VAL D 6 9.42 24.02 38.55
C VAL D 6 7.97 23.96 38.05
N ALA D 7 7.05 24.49 38.85
CA ALA D 7 5.63 24.51 38.64
C ALA D 7 5.33 25.24 37.33
N GLU D 8 5.93 26.42 37.14
CA GLU D 8 5.95 27.13 35.79
C GLU D 8 6.43 26.25 34.62
N TRP D 9 7.53 25.51 34.77
CA TRP D 9 7.95 24.68 33.69
C TRP D 9 6.94 23.55 33.40
N LEU D 10 6.39 22.98 34.49
CA LEU D 10 5.43 21.92 34.41
C LEU D 10 4.19 22.44 33.67
N ALA D 11 3.84 23.71 33.89
CA ALA D 11 2.71 24.32 33.34
C ALA D 11 2.89 25.03 31.93
N GLN D 12 4.05 24.92 31.23
CA GLN D 12 4.22 25.72 29.99
C GLN D 12 3.28 25.25 28.90
N GLY D 13 2.94 23.94 28.87
CA GLY D 13 2.06 23.50 27.83
C GLY D 13 2.80 22.72 26.74
N SER D 14 1.99 22.27 25.78
CA SER D 14 2.49 21.63 24.61
C SER D 14 1.64 21.91 23.41
N ILE D 15 2.22 21.57 22.25
CA ILE D 15 1.56 21.65 20.96
C ILE D 15 1.07 20.22 20.62
N ALA D 16 -0.22 20.07 20.31
CA ALA D 16 -0.78 18.78 19.99
C ALA D 16 -0.40 18.52 18.50
N VAL D 17 0.41 17.52 18.21
CA VAL D 17 0.66 17.17 16.83
C VAL D 17 -0.19 15.98 16.48
N PRO D 18 -1.31 16.15 15.71
CA PRO D 18 -1.98 14.87 15.32
C PRO D 18 -1.02 13.79 14.73
N LYS D 19 -1.31 12.53 15.10
CA LYS D 19 -0.61 11.36 14.57
C LYS D 19 -0.74 11.17 13.06
N LEU D 20 -1.87 11.68 12.54
CA LEU D 20 -2.18 11.62 11.14
C LEU D 20 -1.28 12.62 10.40
N LEU D 21 -1.03 13.79 10.96
CA LEU D 21 -0.12 14.74 10.37
C LEU D 21 1.34 14.17 10.41
N LEU D 22 1.81 13.80 11.58
CA LEU D 22 3.09 13.10 11.80
C LEU D 22 3.29 11.91 10.85
N GLY D 23 2.23 11.09 10.66
CA GLY D 23 2.29 9.94 9.74
C GLY D 23 2.23 10.24 8.23
N HIS D 24 2.01 11.48 7.80
CA HIS D 24 1.67 11.66 6.41
C HIS D 24 2.24 12.89 5.83
N TYR D 25 2.96 13.68 6.64
CA TYR D 25 3.48 14.90 6.13
C TYR D 25 4.41 14.66 4.93
N LYS D 26 5.11 13.51 4.89
CA LYS D 26 6.13 13.29 3.84
C LYS D 26 5.41 13.21 2.48
N GLN D 27 4.31 12.47 2.45
CA GLN D 27 3.43 12.45 1.33
C GLN D 27 2.71 13.75 0.98
N LEU D 28 2.66 14.77 1.88
CA LEU D 28 2.09 16.07 1.52
C LEU D 28 3.21 16.81 0.87
N GLY D 29 4.37 16.19 0.80
CA GLY D 29 5.50 16.94 0.21
C GLY D 29 6.16 17.84 1.22
N LEU D 30 6.02 17.54 2.54
CA LEU D 30 6.72 18.32 3.59
C LEU D 30 8.04 17.71 4.09
N GLY D 31 9.04 18.55 4.32
CA GLY D 31 10.18 18.01 5.05
C GLY D 31 9.96 18.16 6.58
N GLU D 32 10.83 17.51 7.36
CA GLU D 32 10.94 17.69 8.79
C GLU D 32 11.16 19.15 9.17
N GLY D 33 12.00 19.88 8.43
CA GLY D 33 12.28 21.28 8.84
C GLY D 33 10.97 22.10 8.67
N GLU D 34 10.15 21.75 7.67
CA GLU D 34 8.86 22.49 7.43
C GLU D 34 7.87 22.11 8.51
N LEU D 35 7.76 20.79 8.78
CA LEU D 35 6.99 20.29 9.87
C LEU D 35 7.28 21.12 11.18
N VAL D 36 8.54 21.15 11.65
CA VAL D 36 8.91 21.94 12.84
C VAL D 36 8.53 23.47 12.74
N LEU D 37 8.66 24.02 11.55
CA LEU D 37 8.32 25.39 11.32
C LEU D 37 6.80 25.57 11.57
N LEU D 38 5.95 24.66 11.06
CA LEU D 38 4.50 24.70 11.39
C LEU D 38 4.25 24.63 12.91
N LEU D 39 5.02 23.79 13.62
CA LEU D 39 4.94 23.73 15.12
C LEU D 39 5.24 25.02 15.73
N HIS D 40 6.34 25.66 15.31
CA HIS D 40 6.69 26.97 15.88
C HIS D 40 5.56 27.98 15.50
N MET D 41 5.07 28.01 14.26
CA MET D 41 3.94 28.91 13.99
C MET D 41 2.74 28.68 14.96
N GLN D 42 2.29 27.41 15.13
CA GLN D 42 1.21 27.02 16.10
C GLN D 42 1.51 27.60 17.47
N SER D 43 2.74 27.50 17.88
CA SER D 43 3.09 27.90 19.21
C SER D 43 3.04 29.42 19.30
N PHE D 44 3.46 30.08 18.22
CA PHE D 44 3.30 31.57 18.20
C PHE D 44 1.83 31.93 18.30
N PHE D 45 0.94 31.30 17.52
CA PHE D 45 -0.49 31.54 17.57
C PHE D 45 -0.98 31.38 19.01
N GLU D 46 -0.60 30.30 19.70
CA GLU D 46 -1.04 30.10 21.11
C GLU D 46 -0.52 31.14 22.15
N GLU D 47 0.54 31.90 21.85
CA GLU D 47 0.89 33.10 22.63
C GLU D 47 0.30 34.32 21.99
N GLY D 48 -0.69 34.20 21.11
CA GLY D 48 -1.28 35.42 20.60
C GLY D 48 -0.46 36.13 19.52
N VAL D 49 0.67 35.58 19.08
CA VAL D 49 1.43 36.12 17.95
C VAL D 49 0.95 35.38 16.68
N LEU D 50 0.11 36.03 15.93
CA LEU D 50 -0.52 35.41 14.82
C LEU D 50 0.23 35.67 13.57
N PHE D 51 1.10 36.68 13.54
CA PHE D 51 1.88 36.93 12.33
C PHE D 51 3.37 36.91 12.59
N PRO D 52 3.96 35.77 13.08
CA PRO D 52 5.43 35.96 13.44
C PRO D 52 6.31 36.16 12.15
N THR D 53 7.30 36.99 12.23
CA THR D 53 8.21 37.19 11.10
C THR D 53 9.15 35.96 10.92
N PRO D 54 9.70 35.78 9.69
CA PRO D 54 10.80 34.79 9.58
C PRO D 54 11.97 34.83 10.56
N ALA D 55 12.39 35.97 11.03
CA ALA D 55 13.50 36.02 11.96
C ALA D 55 13.05 35.58 13.38
N GLU D 56 11.78 35.87 13.72
CA GLU D 56 11.11 35.30 14.90
C GLU D 56 10.99 33.78 14.83
N LEU D 57 10.51 33.26 13.70
CA LEU D 57 10.50 31.81 13.52
C LEU D 57 11.91 31.22 13.64
N ALA D 58 12.90 31.88 12.98
CA ALA D 58 14.21 31.27 12.77
C ALA D 58 15.05 31.27 14.02
N GLU D 59 14.70 32.17 14.90
CA GLU D 59 15.37 32.28 16.21
C GLU D 59 15.39 30.97 17.03
N ARG D 60 14.35 30.17 16.85
CA ARG D 60 14.14 28.97 17.63
C ARG D 60 14.39 27.82 16.69
N MET D 61 14.92 28.10 15.46
CA MET D 61 15.31 26.99 14.55
C MET D 61 16.76 26.94 14.19
N THR D 62 17.20 25.86 13.55
CA THR D 62 18.59 25.84 13.26
C THR D 62 18.79 26.59 11.91
N VAL D 63 17.72 26.97 11.21
CA VAL D 63 17.90 27.65 9.91
C VAL D 63 18.08 29.17 10.16
N SER D 64 18.65 29.85 9.15
CA SER D 64 18.81 31.34 9.19
C SER D 64 17.48 32.02 8.94
N ALA D 65 17.33 33.26 9.35
CA ALA D 65 16.15 34.06 8.94
C ALA D 65 15.74 34.00 7.42
N ALA D 66 16.72 34.20 6.55
CA ALA D 66 16.48 34.20 5.10
C ALA D 66 16.02 32.83 4.61
N GLU D 67 16.63 31.80 5.16
CA GLU D 67 16.27 30.43 4.76
C GLU D 67 14.90 30.08 5.32
N CYS D 68 14.53 30.67 6.50
CA CYS D 68 13.15 30.54 7.00
C CYS D 68 12.11 31.25 6.10
N MET D 69 12.48 32.43 5.60
CA MET D 69 11.60 33.19 4.63
C MET D 69 11.40 32.37 3.38
N GLU D 70 12.44 31.72 2.87
CA GLU D 70 12.23 30.78 1.75
C GLU D 70 11.24 29.64 2.01
N MET D 71 11.39 29.04 3.19
CA MET D 71 10.44 27.97 3.63
C MET D 71 9.02 28.48 3.78
N VAL D 72 8.77 29.63 4.40
CA VAL D 72 7.45 30.15 4.43
C VAL D 72 6.85 30.42 3.01
N ARG D 73 7.62 31.10 2.17
CA ARG D 73 7.32 31.13 0.80
C ARG D 73 6.95 29.79 0.13
N ARG D 74 7.75 28.72 0.28
CA ARG D 74 7.38 27.39 -0.26
C ARG D 74 6.03 26.80 0.30
N LEU D 75 5.80 27.09 1.60
CA LEU D 75 4.60 26.66 2.28
C LEU D 75 3.36 27.40 1.68
N LEU D 76 3.44 28.74 1.53
CA LEU D 76 2.39 29.51 0.82
C LEU D 76 2.17 28.91 -0.61
N GLN D 77 3.24 28.78 -1.41
CA GLN D 77 3.13 28.18 -2.75
C GLN D 77 2.70 26.74 -2.82
N LYS D 78 3.00 25.95 -1.79
CA LYS D 78 2.48 24.58 -1.78
C LYS D 78 1.01 24.54 -1.38
N GLY D 79 0.46 25.67 -0.93
CA GLY D 79 -0.91 25.69 -0.44
C GLY D 79 -1.04 25.08 0.96
N MET D 80 0.01 25.10 1.79
CA MET D 80 -0.05 24.48 3.17
C MET D 80 -0.43 25.43 4.25
N ILE D 81 -0.19 26.70 4.03
CA ILE D 81 -0.54 27.78 4.92
C ILE D 81 -1.11 28.85 4.02
N ALA D 82 -1.92 29.78 4.56
CA ALA D 82 -2.45 30.95 3.92
C ALA D 82 -2.19 32.16 4.83
N ILE D 83 -2.29 33.35 4.27
CA ILE D 83 -2.42 34.61 5.01
C ILE D 83 -3.90 35.08 4.85
N GLU D 84 -4.56 35.43 5.93
CA GLU D 84 -5.86 36.01 5.84
C GLU D 84 -5.76 37.42 6.41
N GLU D 85 -6.68 38.23 6.14
N GLU D 95 -2.35 40.12 7.61
CA GLU D 95 -2.49 40.27 9.12
C GLU D 95 -2.41 38.89 9.95
N LYS D 96 -2.80 37.74 9.40
CA LYS D 96 -2.48 36.51 10.15
C LYS D 96 -2.21 35.30 9.30
N TYR D 97 -1.26 34.42 9.75
CA TYR D 97 -1.17 33.03 9.17
C TYR D 97 -2.34 32.12 9.58
N THR D 98 -2.65 31.13 8.76
CA THR D 98 -3.64 30.09 9.10
C THR D 98 -3.19 28.77 8.43
N LEU D 99 -3.30 27.65 9.18
CA LEU D 99 -3.07 26.24 8.70
C LEU D 99 -4.26 25.50 8.13
N GLU D 100 -5.43 26.09 8.19
CA GLU D 100 -6.56 25.61 7.42
C GLU D 100 -6.24 24.90 6.13
N PRO D 101 -5.42 25.48 5.17
CA PRO D 101 -5.13 24.70 3.94
C PRO D 101 -4.34 23.40 4.20
N LEU D 102 -3.59 23.30 5.29
CA LEU D 102 -2.81 22.06 5.54
C LEU D 102 -3.73 20.93 5.89
N TRP D 103 -4.80 21.24 6.65
CA TRP D 103 -5.68 20.24 7.16
C TRP D 103 -6.52 19.74 6.03
N GLU D 104 -6.80 20.64 5.10
CA GLU D 104 -7.53 20.36 3.87
C GLU D 104 -6.77 19.45 2.95
N LYS D 105 -5.52 19.74 2.77
CA LYS D 105 -4.59 18.81 2.06
C LYS D 105 -4.50 17.50 2.77
N LEU D 106 -4.40 17.52 4.11
CA LEU D 106 -4.22 16.28 4.86
C LEU D 106 -5.52 15.43 4.61
N VAL D 107 -6.73 16.05 4.67
CA VAL D 107 -7.97 15.32 4.54
C VAL D 107 -8.11 14.72 3.09
N HIS D 108 -7.78 15.50 2.07
CA HIS D 108 -7.89 15.04 0.72
C HIS D 108 -6.98 13.85 0.50
N HIS D 109 -5.74 13.96 0.96
CA HIS D 109 -4.85 12.86 0.96
C HIS D 109 -5.36 11.64 1.73
N LEU D 110 -6.00 11.82 2.89
CA LEU D 110 -6.36 10.65 3.67
C LEU D 110 -7.49 9.94 2.95
N TYR D 111 -8.31 10.76 2.27
CA TYR D 111 -9.42 10.27 1.47
C TYR D 111 -9.01 9.37 0.30
N THR D 112 -8.14 9.91 -0.52
CA THR D 112 -7.44 9.29 -1.63
C THR D 112 -6.76 8.05 -1.20
N GLN D 113 -5.88 8.13 -0.23
CA GLN D 113 -5.33 6.94 0.41
C GLN D 113 -6.33 5.83 0.73
N ALA D 114 -7.49 6.15 1.31
CA ALA D 114 -8.44 5.17 1.80
C ALA D 114 -9.12 4.46 0.60
N ALA D 115 -9.41 5.22 -0.43
CA ALA D 115 -10.08 4.74 -1.62
C ALA D 115 -9.20 3.78 -2.37
N GLN D 116 -7.92 4.07 -2.42
CA GLN D 116 -6.87 3.33 -3.05
C GLN D 116 -6.59 2.06 -2.24
N GLN D 117 -7.04 2.03 -0.99
CA GLN D 117 -6.99 0.79 -0.16
C GLN D 117 -8.31 0.03 0.02
N GLY D 118 -9.33 0.41 -0.71
CA GLY D 118 -10.63 -0.18 -0.60
C GLY D 118 -11.41 0.00 0.69
N GLU D 119 -11.71 1.25 1.12
CA GLU D 119 -12.67 1.57 2.27
C GLU D 119 -13.77 2.61 1.98
N LEU D 120 -13.65 3.66 1.34
MG MG E . 2.83 -22.41 -2.20
MG MG F . 16.23 28.98 27.90
MG MG G . -19.85 -14.37 -27.12
MG MG H . -0.08 8.95 3.18
#